data_7ZHR
#
_entry.id   7ZHR
#
_cell.length_a   51.600
_cell.length_b   52.020
_cell.length_c   73.500
_cell.angle_alpha   90.000
_cell.angle_beta   96.720
_cell.angle_gamma   90.000
#
_symmetry.space_group_name_H-M   'P 1 21 1'
#
loop_
_entity.id
_entity.type
_entity.pdbx_description
1 polymer 'Upstream of N-ras, isoform A'
2 polymer 'Polyadenylate-binding protein'
3 water water
#
loop_
_entity_poly.entity_id
_entity_poly.type
_entity_poly.pdbx_seq_one_letter_code
_entity_poly.pdbx_strand_id
1 'polypeptide(L)'
;GAGSDAGQVYRGFIAVMKENFGFIETLSHDEEVFFHFSNYMGNPNWLELGQEVEYTLARNGNTSVSGNCLPAENVRMLPK
NSIPQPAVLETTHNGVVARPLRCINPDQQEYAGLIEILDELRTTVISQHEFGITSLVNKRDLLQKGDLVSFRIDESGRAA
CVNAVRQKKRATVDSIKGQFGFLNFEVEDGKKLFFHMSEVQGNTVALHPGDTVEFSVVTNQRNGKSSACNVLKIND
;
A
2 'polypeptide(L)'
;GAGEKAKLFTNVYVKNFTEDFDDEKLKEFFEPYGKITSYKVMSKEDGKSKGFGFVAFETTEAAEAAVQALNGKDMGEGKS
LYVARAQKKA
;
B
#
# COMPACT_ATOMS: atom_id res chain seq x y z
N GLN A 8 -26.55 2.27 -15.12
CA GLN A 8 -26.13 1.88 -16.45
C GLN A 8 -24.65 2.21 -16.70
N VAL A 9 -24.33 3.51 -16.67
CA VAL A 9 -23.00 4.00 -16.98
C VAL A 9 -22.27 4.32 -15.68
N TYR A 10 -21.12 3.70 -15.48
CA TYR A 10 -20.30 3.88 -14.29
C TYR A 10 -18.91 4.35 -14.68
N ARG A 11 -18.00 4.34 -13.70
CA ARG A 11 -16.60 4.64 -13.93
C ARG A 11 -15.78 3.93 -12.85
N GLY A 12 -14.60 3.46 -13.24
CA GLY A 12 -13.76 2.75 -12.30
C GLY A 12 -12.34 2.61 -12.78
N PHE A 13 -11.62 1.67 -12.16
CA PHE A 13 -10.23 1.42 -12.46
C PHE A 13 -10.00 -0.07 -12.68
N ILE A 14 -9.05 -0.38 -13.57
CA ILE A 14 -8.70 -1.77 -13.84
C ILE A 14 -7.96 -2.34 -12.66
N ALA A 15 -8.44 -3.47 -12.13
CA ALA A 15 -7.83 -4.08 -10.92
C ALA A 15 -7.17 -5.41 -11.24
N VAL A 16 -7.86 -6.27 -12.00
CA VAL A 16 -7.31 -7.59 -12.42
C VAL A 16 -7.31 -7.68 -13.95
N MET A 17 -6.22 -8.18 -14.53
CA MET A 17 -6.15 -8.43 -15.99
C MET A 17 -5.66 -9.87 -16.15
N LYS A 18 -6.46 -10.72 -16.79
CA LYS A 18 -6.08 -12.14 -16.90
C LYS A 18 -5.82 -12.51 -18.36
N GLU A 19 -6.39 -13.62 -18.82
CA GLU A 19 -6.12 -14.12 -20.19
C GLU A 19 -7.06 -13.47 -21.19
N ASN A 20 -8.35 -13.77 -21.10
CA ASN A 20 -9.36 -13.24 -22.04
C ASN A 20 -10.35 -12.38 -21.26
N PHE A 21 -10.07 -12.11 -19.99
CA PHE A 21 -11.04 -11.38 -19.14
C PHE A 21 -10.33 -10.50 -18.12
N GLY A 22 -11.12 -9.73 -17.37
CA GLY A 22 -10.56 -8.87 -16.32
C GLY A 22 -11.60 -8.37 -15.35
N PHE A 23 -11.17 -7.55 -14.40
CA PHE A 23 -12.05 -7.00 -13.38
C PHE A 23 -11.82 -5.50 -13.25
N ILE A 24 -12.90 -4.76 -12.99
CA ILE A 24 -12.85 -3.31 -12.85
C ILE A 24 -13.20 -2.97 -11.41
N GLU A 25 -12.28 -2.29 -10.72
CA GLU A 25 -12.58 -1.78 -9.39
C GLU A 25 -13.49 -0.57 -9.51
N THR A 26 -14.56 -0.55 -8.73
CA THR A 26 -15.56 0.50 -8.85
C THR A 26 -14.99 1.85 -8.37
N LEU A 27 -15.79 2.89 -8.56
CA LEU A 27 -15.37 4.24 -8.20
C LEU A 27 -15.16 4.38 -6.69
N SER A 28 -15.96 3.68 -5.89
CA SER A 28 -15.86 3.75 -4.44
C SER A 28 -14.83 2.78 -3.86
N HIS A 29 -14.12 2.05 -4.72
CA HIS A 29 -13.09 1.10 -4.28
C HIS A 29 -13.65 0.02 -3.34
N ASP A 30 -14.93 -0.31 -3.49
CA ASP A 30 -15.58 -1.26 -2.59
C ASP A 30 -16.14 -2.48 -3.29
N GLU A 31 -16.04 -2.58 -4.61
CA GLU A 31 -16.54 -3.73 -5.35
C GLU A 31 -15.67 -3.95 -6.57
N GLU A 32 -15.94 -5.04 -7.29
CA GLU A 32 -15.24 -5.37 -8.52
C GLU A 32 -16.26 -5.81 -9.57
N VAL A 33 -16.01 -5.43 -10.81
CA VAL A 33 -16.92 -5.68 -11.92
C VAL A 33 -16.18 -6.48 -12.99
N PHE A 34 -16.71 -7.66 -13.31
CA PHE A 34 -16.11 -8.49 -14.34
C PHE A 34 -16.40 -7.92 -15.72
N PHE A 35 -15.44 -8.09 -16.63
CA PHE A 35 -15.63 -7.67 -18.01
C PHE A 35 -14.77 -8.54 -18.92
N HIS A 36 -15.32 -8.90 -20.07
CA HIS A 36 -14.61 -9.69 -21.07
C HIS A 36 -13.88 -8.77 -22.05
N PHE A 37 -12.75 -9.27 -22.56
CA PHE A 37 -11.95 -8.47 -23.48
C PHE A 37 -12.67 -8.17 -24.78
N SER A 38 -13.66 -8.99 -25.15
CA SER A 38 -14.44 -8.71 -26.35
C SER A 38 -15.26 -7.43 -26.21
N ASN A 39 -15.60 -7.06 -24.98
CA ASN A 39 -16.39 -5.86 -24.71
C ASN A 39 -15.53 -4.63 -24.41
N TYR A 40 -14.22 -4.72 -24.62
CA TYR A 40 -13.32 -3.60 -24.40
C TYR A 40 -13.07 -2.86 -25.71
N MET A 41 -13.14 -1.53 -25.65
CA MET A 41 -12.93 -0.68 -26.82
C MET A 41 -11.48 -0.23 -26.83
N GLY A 42 -10.62 -1.05 -27.43
CA GLY A 42 -9.21 -0.75 -27.54
C GLY A 42 -8.39 -2.01 -27.45
N ASN A 43 -7.07 -1.83 -27.36
CA ASN A 43 -6.15 -2.96 -27.30
C ASN A 43 -6.04 -3.46 -25.86
N PRO A 44 -6.29 -4.76 -25.61
CA PRO A 44 -6.17 -5.26 -24.24
C PRO A 44 -4.73 -5.28 -23.73
N ASN A 45 -3.75 -5.51 -24.61
CA ASN A 45 -2.36 -5.54 -24.16
C ASN A 45 -1.85 -4.17 -23.74
N TRP A 46 -2.43 -3.10 -24.30
CA TRP A 46 -2.06 -1.74 -23.96
C TRP A 46 -2.82 -1.20 -22.76
N LEU A 47 -3.39 -2.07 -21.93
CA LEU A 47 -4.21 -1.66 -20.80
C LEU A 47 -3.41 -1.78 -19.51
N GLU A 48 -3.36 -0.71 -18.75
CA GLU A 48 -2.61 -0.66 -17.50
C GLU A 48 -3.45 -1.14 -16.33
N LEU A 49 -2.78 -1.42 -15.22
CA LEU A 49 -3.45 -1.69 -13.95
C LEU A 49 -3.68 -0.37 -13.23
N GLY A 50 -4.92 -0.16 -12.77
CA GLY A 50 -5.32 1.13 -12.25
C GLY A 50 -5.73 2.12 -13.30
N GLN A 51 -5.85 1.70 -14.55
CA GLN A 51 -6.26 2.59 -15.63
C GLN A 51 -7.72 3.01 -15.46
N GLU A 52 -7.98 4.31 -15.57
CA GLU A 52 -9.34 4.83 -15.42
C GLU A 52 -10.17 4.48 -16.63
N VAL A 53 -11.34 3.89 -16.40
CA VAL A 53 -12.23 3.46 -17.48
C VAL A 53 -13.65 3.89 -17.16
N GLU A 54 -14.46 3.97 -18.23
CA GLU A 54 -15.89 4.18 -18.14
C GLU A 54 -16.58 2.99 -18.79
N TYR A 55 -17.53 2.39 -18.08
CA TYR A 55 -18.15 1.15 -18.55
C TYR A 55 -19.66 1.21 -18.36
N THR A 56 -20.37 0.53 -19.25
CA THR A 56 -21.80 0.33 -19.14
C THR A 56 -22.08 -1.06 -18.58
N LEU A 57 -23.03 -1.15 -17.67
CA LEU A 57 -23.34 -2.41 -17.02
C LEU A 57 -24.37 -3.20 -17.82
N ALA A 58 -24.24 -4.52 -17.79
CA ALA A 58 -25.15 -5.39 -18.51
C ALA A 58 -26.52 -5.43 -17.84
N PRO A 71 -21.20 -7.78 -14.28
CA PRO A 71 -21.17 -7.97 -15.73
C PRO A 71 -21.10 -6.65 -16.51
N ALA A 72 -19.92 -6.32 -17.02
CA ALA A 72 -19.71 -5.06 -17.71
C ALA A 72 -19.72 -5.27 -19.22
N GLU A 73 -19.96 -4.17 -19.93
CA GLU A 73 -19.95 -4.16 -21.39
C GLU A 73 -19.55 -2.77 -21.87
N ASN A 74 -18.89 -2.72 -23.02
CA ASN A 74 -18.46 -1.47 -23.65
C ASN A 74 -17.57 -0.67 -22.70
N VAL A 75 -16.41 -1.24 -22.40
CA VAL A 75 -15.44 -0.62 -21.52
C VAL A 75 -14.62 0.38 -22.33
N ARG A 76 -14.61 1.64 -21.89
CA ARG A 76 -13.94 2.72 -22.58
C ARG A 76 -12.80 3.25 -21.73
N MET A 77 -11.60 3.29 -22.31
CA MET A 77 -10.46 3.89 -21.63
C MET A 77 -10.63 5.41 -21.56
N LEU A 78 -10.16 5.99 -20.46
CA LEU A 78 -10.27 7.42 -20.21
C LEU A 78 -8.88 8.04 -20.08
N PRO A 79 -8.75 9.34 -20.33
CA PRO A 79 -7.49 10.03 -20.06
C PRO A 79 -7.17 10.00 -18.57
N LYS A 80 -5.92 10.29 -18.25
CA LYS A 80 -5.50 10.27 -16.86
C LYS A 80 -6.08 11.46 -16.11
N ASN A 81 -6.30 11.27 -14.80
CA ASN A 81 -6.91 12.26 -13.93
C ASN A 81 -8.31 12.65 -14.36
N SER A 82 -8.94 11.86 -15.24
CA SER A 82 -10.32 12.11 -15.62
C SER A 82 -11.27 11.79 -14.47
N ILE A 83 -10.96 10.77 -13.67
CA ILE A 83 -11.73 10.43 -12.48
C ILE A 83 -11.14 11.23 -11.32
N PRO A 84 -11.88 12.17 -10.74
CA PRO A 84 -11.33 12.93 -9.61
C PRO A 84 -11.10 12.05 -8.40
N GLN A 85 -9.95 12.27 -7.75
CA GLN A 85 -9.55 11.50 -6.58
C GLN A 85 -9.07 12.45 -5.49
N PRO A 86 -9.16 12.03 -4.23
CA PRO A 86 -8.72 12.90 -3.13
C PRO A 86 -7.22 13.17 -3.19
N ALA A 87 -6.84 14.37 -2.75
CA ALA A 87 -5.44 14.75 -2.72
C ALA A 87 -4.68 13.90 -1.69
N VAL A 88 -3.45 13.54 -2.04
CA VAL A 88 -2.63 12.68 -1.18
C VAL A 88 -1.75 13.57 -0.32
N LEU A 89 -1.82 13.38 1.00
CA LEU A 89 -0.99 14.14 1.91
C LEU A 89 0.46 13.68 1.83
N GLU A 90 1.37 14.52 2.32
CA GLU A 90 2.79 14.29 2.13
C GLU A 90 3.37 13.28 3.12
N THR A 91 2.91 13.32 4.37
CA THR A 91 3.55 12.55 5.43
C THR A 91 3.46 11.04 5.15
N THR A 92 4.58 10.36 5.31
CA THR A 92 4.65 8.91 5.14
C THR A 92 4.39 8.23 6.48
N HIS A 93 3.51 7.23 6.47
CA HIS A 93 3.16 6.48 7.66
C HIS A 93 3.54 5.01 7.50
N ASN A 94 3.64 4.32 8.64
CA ASN A 94 3.95 2.90 8.68
C ASN A 94 2.77 2.14 9.28
N GLY A 95 2.41 1.02 8.66
CA GLY A 95 1.29 0.24 9.13
C GLY A 95 1.48 -1.24 8.81
N VAL A 96 0.50 -2.04 9.26
CA VAL A 96 0.48 -3.48 9.02
C VAL A 96 -0.81 -3.82 8.30
N VAL A 97 -0.73 -4.78 7.37
CA VAL A 97 -1.90 -5.20 6.62
C VAL A 97 -2.77 -6.10 7.48
N ALA A 98 -4.07 -5.80 7.51
CA ALA A 98 -5.05 -6.62 8.23
C ALA A 98 -5.84 -7.51 7.27
N ARG A 99 -6.50 -6.91 6.28
CA ARG A 99 -7.16 -7.64 5.22
C ARG A 99 -6.48 -7.37 3.90
N PRO A 100 -6.17 -8.39 3.11
CA PRO A 100 -5.67 -8.15 1.75
C PRO A 100 -6.82 -7.85 0.80
N LEU A 101 -6.46 -7.49 -0.42
CA LEU A 101 -7.46 -7.30 -1.46
C LEU A 101 -8.09 -8.63 -1.84
N ARG A 102 -9.36 -8.57 -2.24
CA ARG A 102 -10.05 -9.78 -2.67
C ARG A 102 -9.48 -10.33 -3.97
N CYS A 103 -8.70 -9.53 -4.71
CA CYS A 103 -8.09 -10.00 -5.95
C CYS A 103 -7.06 -11.09 -5.69
N ILE A 104 -6.34 -11.00 -4.57
CA ILE A 104 -5.41 -12.05 -4.16
C ILE A 104 -6.03 -12.99 -3.14
N ASN A 105 -7.23 -12.70 -2.66
CA ASN A 105 -7.90 -13.53 -1.65
C ASN A 105 -9.39 -13.51 -1.92
N PRO A 106 -9.86 -14.29 -2.90
CA PRO A 106 -11.30 -14.34 -3.19
C PRO A 106 -12.12 -15.00 -2.10
N ASP A 107 -11.48 -15.52 -1.05
CA ASP A 107 -12.21 -16.19 0.03
C ASP A 107 -13.02 -15.21 0.86
N GLN A 108 -12.46 -14.04 1.14
CA GLN A 108 -13.07 -13.07 2.04
C GLN A 108 -14.29 -12.41 1.40
N GLN A 109 -15.07 -11.72 2.24
CA GLN A 109 -16.27 -11.02 1.81
C GLN A 109 -15.97 -9.58 1.40
N GLU A 110 -15.27 -8.84 2.25
CA GLU A 110 -14.93 -7.46 1.95
C GLU A 110 -13.98 -7.37 0.76
N TYR A 111 -14.20 -6.38 -0.10
CA TYR A 111 -13.35 -6.24 -1.27
C TYR A 111 -12.05 -5.51 -0.95
N ALA A 112 -12.15 -4.32 -0.38
CA ALA A 112 -10.96 -3.49 -0.14
C ALA A 112 -10.07 -4.13 0.92
N GLY A 113 -8.78 -3.81 0.83
CA GLY A 113 -7.85 -4.21 1.87
C GLY A 113 -7.87 -3.25 3.03
N LEU A 114 -7.19 -3.64 4.11
CA LEU A 114 -7.16 -2.84 5.32
C LEU A 114 -5.72 -2.72 5.83
N ILE A 115 -5.29 -1.49 6.08
CA ILE A 115 -3.99 -1.18 6.67
C ILE A 115 -4.24 -0.50 8.00
N GLU A 116 -3.52 -0.94 9.03
CA GLU A 116 -3.72 -0.45 10.39
C GLU A 116 -2.41 0.09 10.94
N ILE A 117 -2.45 1.31 11.48
CA ILE A 117 -1.35 1.86 12.24
C ILE A 117 -1.52 1.41 13.69
N LEU A 118 -0.51 0.73 14.23
CA LEU A 118 -0.57 0.17 15.57
C LEU A 118 0.37 0.92 16.50
N ASP A 119 0.16 0.74 17.80
CA ASP A 119 1.03 1.34 18.79
C ASP A 119 2.38 0.60 18.80
N GLU A 120 3.29 1.08 19.64
CA GLU A 120 4.61 0.45 19.73
C GLU A 120 4.50 -0.97 20.26
N LEU A 121 3.57 -1.22 21.18
CA LEU A 121 3.34 -2.57 21.67
C LEU A 121 2.63 -3.46 20.67
N ARG A 122 2.21 -2.91 19.52
CA ARG A 122 1.58 -3.66 18.45
C ARG A 122 0.30 -4.34 18.91
N THR A 123 -0.43 -3.69 19.82
CA THR A 123 -1.68 -4.25 20.34
C THR A 123 -2.84 -3.27 20.34
N THR A 124 -2.59 -1.97 20.12
CA THR A 124 -3.64 -0.96 20.10
C THR A 124 -3.73 -0.37 18.70
N VAL A 125 -4.94 -0.34 18.14
CA VAL A 125 -5.15 0.17 16.80
C VAL A 125 -5.26 1.70 16.86
N ILE A 126 -4.35 2.39 16.18
CA ILE A 126 -4.41 3.85 16.12
C ILE A 126 -5.43 4.29 15.08
N SER A 127 -5.38 3.71 13.89
CA SER A 127 -6.30 4.05 12.81
C SER A 127 -6.26 2.97 11.75
N GLN A 128 -7.33 2.89 10.96
CA GLN A 128 -7.43 1.98 9.83
C GLN A 128 -7.55 2.78 8.54
N HIS A 129 -6.99 2.23 7.46
CA HIS A 129 -7.01 2.87 6.16
C HIS A 129 -7.19 1.80 5.08
N GLU A 130 -8.27 1.92 4.32
CA GLU A 130 -8.54 0.97 3.25
C GLU A 130 -7.71 1.28 2.01
N PHE A 131 -7.43 0.25 1.22
CA PHE A 131 -6.64 0.40 0.01
C PHE A 131 -7.19 -0.52 -1.07
N GLY A 132 -7.01 -0.09 -2.32
CA GLY A 132 -7.43 -0.84 -3.49
C GLY A 132 -6.27 -0.99 -4.47
N ILE A 133 -6.63 -1.07 -5.75
CA ILE A 133 -5.60 -1.24 -6.77
C ILE A 133 -4.86 0.07 -7.05
N THR A 134 -5.54 1.21 -6.94
CA THR A 134 -4.91 2.51 -7.19
C THR A 134 -4.06 2.97 -6.01
N SER A 135 -4.05 2.23 -4.90
CA SER A 135 -3.27 2.59 -3.73
C SER A 135 -1.88 1.99 -3.73
N LEU A 136 -1.63 0.96 -4.56
CA LEU A 136 -0.38 0.23 -4.53
C LEU A 136 0.62 0.84 -5.50
N VAL A 137 1.88 0.93 -5.06
CA VAL A 137 2.96 1.32 -5.95
C VAL A 137 3.18 0.25 -7.00
N ASN A 138 3.33 -1.00 -6.56
CA ASN A 138 3.39 -2.16 -7.45
C ASN A 138 2.00 -2.80 -7.45
N LYS A 139 1.28 -2.65 -8.57
CA LYS A 139 -0.05 -3.22 -8.66
C LYS A 139 -0.01 -4.74 -8.62
N ARG A 140 1.08 -5.34 -9.08
CA ARG A 140 1.25 -6.79 -9.07
C ARG A 140 1.80 -7.31 -7.74
N ASP A 141 2.05 -6.42 -6.77
CA ASP A 141 2.60 -6.84 -5.49
C ASP A 141 1.60 -7.69 -4.71
N LEU A 142 2.12 -8.59 -3.90
CA LEU A 142 1.33 -9.55 -3.15
C LEU A 142 1.42 -9.17 -1.68
N LEU A 143 0.36 -8.54 -1.17
CA LEU A 143 0.32 -8.02 0.19
C LEU A 143 -0.65 -8.85 1.01
N GLN A 144 -0.12 -9.69 1.90
CA GLN A 144 -0.93 -10.49 2.80
C GLN A 144 -1.02 -9.81 4.17
N LYS A 145 -1.82 -10.42 5.05
CA LYS A 145 -1.94 -9.94 6.41
C LYS A 145 -0.63 -10.16 7.16
N GLY A 146 -0.24 -9.15 7.94
CA GLY A 146 0.99 -9.20 8.71
C GLY A 146 2.16 -8.45 8.09
N ASP A 147 2.05 -8.05 6.83
CA ASP A 147 3.13 -7.33 6.18
C ASP A 147 3.21 -5.90 6.69
N LEU A 148 4.43 -5.45 6.97
CA LEU A 148 4.66 -4.05 7.34
C LEU A 148 4.78 -3.21 6.08
N VAL A 149 4.04 -2.11 6.03
CA VAL A 149 3.97 -1.27 4.84
C VAL A 149 4.30 0.17 5.19
N SER A 150 4.72 0.91 4.17
CA SER A 150 4.91 2.34 4.24
C SER A 150 3.96 3.00 3.24
N PHE A 151 3.17 3.95 3.70
CA PHE A 151 2.11 4.51 2.87
C PHE A 151 1.85 5.96 3.24
N ARG A 152 1.12 6.64 2.38
CA ARG A 152 0.63 7.98 2.62
C ARG A 152 -0.89 7.95 2.65
N ILE A 153 -1.48 9.00 3.22
CA ILE A 153 -2.93 9.09 3.40
C ILE A 153 -3.48 10.16 2.47
N ASP A 154 -4.60 9.86 1.82
CA ASP A 154 -5.29 10.86 1.02
C ASP A 154 -6.38 11.54 1.85
N GLU A 155 -7.10 12.47 1.24
CA GLU A 155 -8.07 13.27 1.98
C GLU A 155 -9.26 12.45 2.46
N SER A 156 -9.55 11.32 1.84
CA SER A 156 -10.62 10.45 2.31
C SER A 156 -10.23 9.61 3.50
N GLY A 157 -8.93 9.53 3.82
CA GLY A 157 -8.45 8.62 4.83
C GLY A 157 -7.95 7.30 4.31
N ARG A 158 -8.09 7.04 3.01
CA ARG A 158 -7.62 5.81 2.42
C ARG A 158 -6.10 5.80 2.33
N ALA A 159 -5.53 4.60 2.21
CA ALA A 159 -4.10 4.45 2.05
C ALA A 159 -3.68 4.77 0.63
N ALA A 160 -2.51 5.41 0.49
CA ALA A 160 -1.97 5.76 -0.81
C ALA A 160 -0.47 5.55 -0.80
N CYS A 161 0.09 5.36 -1.99
CA CYS A 161 1.52 5.11 -2.17
C CYS A 161 1.98 3.94 -1.30
N VAL A 162 1.18 2.88 -1.30
CA VAL A 162 1.44 1.73 -0.44
C VAL A 162 2.65 0.95 -0.97
N ASN A 163 3.65 0.77 -0.10
CA ASN A 163 4.83 0.00 -0.44
C ASN A 163 5.19 -0.89 0.75
N ALA A 164 5.50 -2.15 0.47
CA ALA A 164 5.79 -3.10 1.52
C ALA A 164 7.24 -2.99 1.98
N VAL A 165 7.44 -3.02 3.30
CA VAL A 165 8.78 -2.98 3.88
C VAL A 165 9.25 -4.43 4.03
N ARG A 166 10.27 -4.79 3.25
CA ARG A 166 10.82 -6.14 3.27
C ARG A 166 12.35 -6.05 3.32
N GLN A 167 12.96 -6.93 4.10
CA GLN A 167 14.42 -6.98 4.18
C GLN A 167 15.00 -7.45 2.86
N LYS A 168 16.00 -6.75 2.35
CA LYS A 168 16.59 -7.07 1.06
C LYS A 168 17.63 -8.17 1.21
N LYS A 169 17.58 -9.13 0.30
CA LYS A 169 18.56 -10.19 0.21
C LYS A 169 19.36 -10.05 -1.08
N ARG A 170 20.42 -10.83 -1.20
CA ARG A 170 21.27 -10.79 -2.39
C ARG A 170 21.99 -12.11 -2.54
N ALA A 171 21.90 -12.70 -3.73
CA ALA A 171 22.56 -13.96 -4.04
C ALA A 171 23.02 -13.89 -5.49
N THR A 172 23.31 -15.05 -6.08
CA THR A 172 23.77 -15.13 -7.46
C THR A 172 22.78 -15.92 -8.31
N VAL A 173 22.66 -15.53 -9.57
CA VAL A 173 21.81 -16.24 -10.50
C VAL A 173 22.38 -17.62 -10.76
N ASP A 174 21.54 -18.64 -10.66
CA ASP A 174 21.97 -20.03 -10.85
C ASP A 174 21.60 -20.59 -12.21
N SER A 175 20.40 -20.32 -12.69
CA SER A 175 19.96 -20.85 -13.97
C SER A 175 18.91 -19.93 -14.59
N ILE A 176 18.61 -20.20 -15.86
CA ILE A 176 17.61 -19.44 -16.60
C ILE A 176 16.87 -20.41 -17.53
N LYS A 177 15.55 -20.33 -17.53
CA LYS A 177 14.70 -21.19 -18.37
C LYS A 177 13.63 -20.30 -19.00
N GLY A 178 13.92 -19.80 -20.20
CA GLY A 178 12.97 -18.98 -20.93
C GLY A 178 12.79 -17.59 -20.34
N GLN A 179 11.61 -17.33 -19.79
CA GLN A 179 11.28 -16.01 -19.24
C GLN A 179 11.32 -15.99 -17.72
N PHE A 180 12.06 -16.91 -17.11
CA PHE A 180 12.14 -17.00 -15.65
C PHE A 180 13.29 -17.92 -15.29
N GLY A 181 13.92 -17.64 -14.15
CA GLY A 181 15.07 -18.41 -13.71
C GLY A 181 15.07 -18.70 -12.23
N PHE A 182 16.25 -18.98 -11.67
CA PHE A 182 16.38 -19.32 -10.26
C PHE A 182 17.66 -18.72 -9.70
N LEU A 183 17.62 -18.37 -8.41
CA LEU A 183 18.76 -17.79 -7.71
C LEU A 183 19.36 -18.81 -6.75
N ASN A 184 20.53 -18.49 -6.22
CA ASN A 184 21.17 -19.41 -5.24
C ASN A 184 20.68 -19.01 -3.85
N PHE A 185 19.37 -19.02 -3.66
CA PHE A 185 18.77 -18.67 -2.35
C PHE A 185 17.87 -19.83 -1.95
N GLU A 186 18.15 -20.39 -0.79
CA GLU A 186 17.40 -21.59 -0.35
C GLU A 186 16.18 -21.18 0.46
N VAL A 187 15.03 -21.73 0.10
CA VAL A 187 13.77 -21.42 0.80
C VAL A 187 13.13 -22.75 1.18
N GLU A 188 11.94 -23.06 0.68
CA GLU A 188 11.19 -24.27 1.05
C GLU A 188 12.02 -25.54 0.87
N ASP A 189 12.03 -26.44 1.85
CA ASP A 189 12.75 -27.75 1.75
C ASP A 189 14.01 -27.67 0.89
N GLY A 190 14.90 -26.71 1.17
CA GLY A 190 16.12 -26.54 0.38
C GLY A 190 15.84 -26.45 -1.11
N LYS A 191 15.05 -25.47 -1.54
CA LYS A 191 14.81 -25.27 -2.99
C LYS A 191 15.39 -23.92 -3.41
N LYS A 192 15.63 -23.76 -4.71
CA LYS A 192 16.23 -22.51 -5.22
C LYS A 192 15.13 -21.48 -5.43
N LEU A 193 15.42 -20.20 -5.17
CA LEU A 193 14.34 -19.18 -5.24
C LEU A 193 13.99 -18.87 -6.68
N PHE A 194 12.70 -18.94 -6.98
CA PHE A 194 12.21 -18.61 -8.30
C PHE A 194 12.16 -17.09 -8.49
N PHE A 195 12.38 -16.66 -9.74
CA PHE A 195 12.17 -15.26 -10.09
C PHE A 195 11.85 -15.15 -11.58
N HIS A 196 10.96 -14.21 -11.89
CA HIS A 196 10.54 -13.94 -13.26
C HIS A 196 11.28 -12.71 -13.77
N MET A 197 11.51 -12.68 -15.09
CA MET A 197 12.20 -11.55 -15.70
C MET A 197 11.38 -10.27 -15.66
N SER A 198 10.11 -10.34 -15.25
CA SER A 198 9.28 -9.15 -15.09
C SER A 198 9.62 -8.35 -13.85
N GLU A 199 10.60 -8.78 -13.06
CA GLU A 199 10.99 -8.10 -11.83
C GLU A 199 12.38 -7.50 -11.89
N VAL A 200 13.04 -7.56 -13.05
CA VAL A 200 14.39 -7.03 -13.21
C VAL A 200 14.30 -5.53 -13.54
N GLN A 201 15.24 -4.77 -13.00
CA GLN A 201 15.24 -3.32 -13.16
C GLN A 201 16.16 -2.91 -14.31
N GLY A 202 16.23 -1.61 -14.55
CA GLY A 202 17.02 -1.08 -15.65
C GLY A 202 16.44 -1.48 -17.00
N ASN A 203 17.29 -1.38 -18.02
CA ASN A 203 16.95 -1.81 -19.37
C ASN A 203 17.83 -2.99 -19.81
N THR A 204 18.32 -3.76 -18.85
CA THR A 204 19.31 -4.79 -19.13
C THR A 204 18.65 -6.04 -19.72
N VAL A 205 19.22 -6.53 -20.83
CA VAL A 205 18.87 -7.84 -21.36
C VAL A 205 19.88 -8.90 -20.95
N ALA A 206 21.02 -8.50 -20.42
CA ALA A 206 22.10 -9.43 -20.08
C ALA A 206 21.97 -9.81 -18.61
N LEU A 207 21.49 -11.03 -18.36
CA LEU A 207 21.49 -11.64 -17.04
C LEU A 207 22.00 -13.07 -17.20
N HIS A 208 23.11 -13.38 -16.56
CA HIS A 208 23.81 -14.64 -16.73
C HIS A 208 23.97 -15.35 -15.39
N PRO A 209 24.10 -16.67 -15.41
CA PRO A 209 24.47 -17.40 -14.18
C PRO A 209 25.83 -16.92 -13.67
N GLY A 210 25.88 -16.59 -12.38
CA GLY A 210 27.05 -16.00 -11.76
C GLY A 210 26.89 -14.53 -11.45
N ASP A 211 25.96 -13.84 -12.10
CA ASP A 211 25.67 -12.45 -11.78
C ASP A 211 25.02 -12.36 -10.40
N THR A 212 25.35 -11.29 -9.68
CA THR A 212 24.82 -11.05 -8.34
C THR A 212 23.67 -10.05 -8.43
N VAL A 213 22.54 -10.39 -7.81
CA VAL A 213 21.36 -9.55 -7.81
C VAL A 213 20.90 -9.34 -6.37
N GLU A 214 20.38 -8.16 -6.09
CA GLU A 214 19.80 -7.84 -4.79
C GLU A 214 18.28 -7.84 -4.92
N PHE A 215 17.61 -8.60 -4.06
CA PHE A 215 16.20 -8.89 -4.23
C PHE A 215 15.50 -8.92 -2.89
N SER A 216 14.16 -8.93 -2.95
CA SER A 216 13.30 -9.19 -1.81
C SER A 216 12.60 -10.52 -2.00
N VAL A 217 12.17 -11.11 -0.90
CA VAL A 217 11.56 -12.44 -0.90
C VAL A 217 10.10 -12.30 -0.52
N VAL A 218 9.21 -12.55 -1.47
CA VAL A 218 7.78 -12.56 -1.23
C VAL A 218 7.31 -14.00 -1.10
N THR A 219 6.26 -14.27 -0.31
CA THR A 219 5.77 -15.66 -0.11
C THR A 219 4.24 -15.72 -0.09
N ASN A 220 3.63 -16.59 -0.90
CA ASN A 220 2.16 -16.75 -0.88
C ASN A 220 1.76 -17.58 0.33
N GLN A 221 0.83 -17.08 1.15
CA GLN A 221 0.45 -17.77 2.41
C GLN A 221 -0.49 -18.94 2.13
N ARG A 222 -0.75 -19.25 0.86
CA ARG A 222 -1.59 -20.40 0.49
C ARG A 222 -0.74 -21.48 -0.20
N ASN A 223 0.48 -21.13 -0.63
CA ASN A 223 1.36 -22.08 -1.37
C ASN A 223 2.84 -21.83 -1.09
N GLY A 224 3.63 -21.42 -2.09
CA GLY A 224 5.09 -21.30 -1.92
C GLY A 224 5.66 -19.90 -2.06
N LYS A 225 6.94 -19.78 -2.45
CA LYS A 225 7.63 -18.46 -2.44
C LYS A 225 8.11 -17.96 -3.80
N SER A 226 8.50 -16.70 -3.86
CA SER A 226 8.94 -16.01 -5.07
C SER A 226 9.91 -14.91 -4.66
N SER A 227 10.34 -14.10 -5.62
CA SER A 227 11.22 -12.98 -5.31
C SER A 227 10.76 -11.76 -6.08
N ALA A 228 10.89 -10.58 -5.45
CA ALA A 228 10.40 -9.34 -6.01
C ALA A 228 11.53 -8.32 -6.12
N CYS A 229 11.45 -7.50 -7.17
CA CYS A 229 12.35 -6.37 -7.40
C CYS A 229 13.82 -6.74 -7.23
N ASN A 230 14.38 -7.45 -8.20
CA ASN A 230 15.78 -7.85 -8.16
C ASN A 230 16.55 -7.03 -9.19
N VAL A 231 17.52 -6.26 -8.74
CA VAL A 231 18.38 -5.47 -9.62
C VAL A 231 19.76 -6.12 -9.65
N LEU A 232 20.39 -6.12 -10.83
CA LEU A 232 21.71 -6.70 -10.99
C LEU A 232 22.76 -5.80 -10.35
N LYS A 233 23.56 -6.37 -9.45
CA LYS A 233 24.69 -5.66 -8.84
C LYS A 233 25.96 -6.19 -9.47
N ILE A 234 26.47 -5.47 -10.48
CA ILE A 234 27.77 -5.74 -11.07
C ILE A 234 28.42 -4.39 -11.37
N ASN A 235 29.55 -4.13 -10.73
CA ASN A 235 30.20 -2.83 -10.87
C ASN A 235 31.56 -2.96 -11.56
N PHE B 9 12.72 12.67 12.05
CA PHE B 9 11.44 12.71 11.33
C PHE B 9 10.51 11.60 11.82
N THR B 10 9.91 11.81 13.00
CA THR B 10 9.05 10.82 13.63
C THR B 10 7.65 11.39 13.81
N ASN B 11 6.65 10.56 13.50
CA ASN B 11 5.26 10.99 13.57
C ASN B 11 4.67 10.73 14.95
N VAL B 12 3.74 11.59 15.36
CA VAL B 12 2.99 11.45 16.60
C VAL B 12 1.51 11.45 16.26
N TYR B 13 0.77 10.52 16.83
CA TYR B 13 -0.64 10.33 16.51
C TYR B 13 -1.51 10.69 17.70
N VAL B 14 -2.54 11.49 17.45
CA VAL B 14 -3.48 11.93 18.48
C VAL B 14 -4.80 11.20 18.27
N LYS B 15 -5.52 11.01 19.36
CA LYS B 15 -6.74 10.20 19.30
C LYS B 15 -7.63 10.55 20.49
N ASN B 16 -8.95 10.53 20.26
CA ASN B 16 -9.97 10.72 21.29
C ASN B 16 -9.86 12.11 21.93
N PHE B 17 -10.16 13.11 21.11
CA PHE B 17 -10.20 14.50 21.55
C PHE B 17 -11.63 15.02 21.51
N THR B 18 -11.77 16.31 21.79
CA THR B 18 -13.09 16.94 21.84
C THR B 18 -13.60 17.24 20.43
N GLU B 19 -14.83 17.74 20.35
CA GLU B 19 -15.44 18.03 19.05
C GLU B 19 -15.00 19.38 18.49
N ASP B 20 -14.59 20.32 19.33
CA ASP B 20 -14.08 21.60 18.86
C ASP B 20 -12.60 21.56 18.49
N PHE B 21 -12.01 20.36 18.48
CA PHE B 21 -10.60 20.21 18.11
C PHE B 21 -10.44 20.45 16.62
N ASP B 22 -9.75 21.53 16.26
CA ASP B 22 -9.51 21.89 14.87
C ASP B 22 -8.05 21.64 14.52
N ASP B 23 -7.70 21.97 13.27
CA ASP B 23 -6.31 21.86 12.84
C ASP B 23 -5.42 22.82 13.59
N GLU B 24 -5.96 23.96 14.05
CA GLU B 24 -5.16 24.93 14.78
C GLU B 24 -4.91 24.47 16.21
N LYS B 25 -5.95 23.96 16.89
CA LYS B 25 -5.76 23.47 18.25
C LYS B 25 -4.75 22.33 18.28
N LEU B 26 -4.77 21.47 17.26
CA LEU B 26 -3.78 20.40 17.19
C LEU B 26 -2.37 20.97 17.06
N LYS B 27 -2.21 22.06 16.30
CA LYS B 27 -0.91 22.68 16.17
C LYS B 27 -0.51 23.40 17.46
N GLU B 28 -1.46 24.12 18.08
CA GLU B 28 -1.16 24.81 19.33
C GLU B 28 -0.87 23.82 20.45
N PHE B 29 -1.48 22.64 20.41
CA PHE B 29 -1.25 21.65 21.46
C PHE B 29 0.14 21.03 21.39
N PHE B 30 0.73 20.97 20.19
CA PHE B 30 1.94 20.19 19.98
C PHE B 30 3.15 21.00 19.52
N GLU B 31 2.99 22.25 19.14
CA GLU B 31 4.12 23.05 18.69
C GLU B 31 5.10 23.45 19.80
N PRO B 32 4.69 23.56 21.10
CA PRO B 32 5.68 23.93 22.12
C PRO B 32 6.65 22.81 22.47
N TYR B 33 6.72 21.77 21.64
CA TYR B 33 7.64 20.67 21.86
C TYR B 33 8.65 20.46 20.75
N GLY B 34 8.42 21.02 19.57
CA GLY B 34 9.36 20.86 18.48
C GLY B 34 8.81 21.49 17.22
N LYS B 35 9.63 21.48 16.18
CA LYS B 35 9.26 22.06 14.89
C LYS B 35 8.35 21.11 14.14
N ILE B 36 7.15 21.58 13.80
CA ILE B 36 6.18 20.79 13.06
C ILE B 36 6.29 21.15 11.58
N THR B 37 6.44 20.13 10.73
CA THR B 37 6.46 20.33 9.29
C THR B 37 5.18 19.89 8.60
N SER B 38 4.37 19.04 9.25
CA SER B 38 3.11 18.59 8.68
C SER B 38 2.21 18.07 9.79
N TYR B 39 0.91 18.29 9.63
CA TYR B 39 -0.07 17.85 10.61
C TYR B 39 -1.45 17.89 9.98
N LYS B 40 -2.37 17.11 10.53
CA LYS B 40 -3.77 17.08 10.04
C LYS B 40 -4.64 16.38 11.09
N VAL B 41 -5.91 16.75 11.18
CA VAL B 41 -6.84 16.06 12.11
C VAL B 41 -7.44 14.89 11.36
N MET B 42 -8.22 15.13 10.31
CA MET B 42 -8.90 14.04 9.58
C MET B 42 -9.84 13.29 10.51
N SER B 43 -11.04 13.82 10.74
CA SER B 43 -12.05 13.22 11.65
C SER B 43 -11.39 12.69 12.92
N PHE B 52 -9.04 11.02 15.90
CA PHE B 52 -7.78 10.62 15.29
C PHE B 52 -7.10 11.83 14.64
N GLY B 53 -5.77 11.87 14.72
CA GLY B 53 -4.99 12.95 14.14
C GLY B 53 -3.52 12.62 14.29
N PHE B 54 -2.69 13.34 13.53
CA PHE B 54 -1.25 13.08 13.54
C PHE B 54 -0.48 14.39 13.42
N VAL B 55 0.78 14.34 13.84
CA VAL B 55 1.71 15.46 13.78
C VAL B 55 3.08 14.92 13.36
N ALA B 56 3.72 15.59 12.42
CA ALA B 56 5.02 15.19 11.90
C ALA B 56 6.09 16.13 12.48
N PHE B 57 6.98 15.58 13.29
CA PHE B 57 8.07 16.34 13.89
C PHE B 57 9.36 16.13 13.11
N GLU B 58 10.26 17.11 13.22
CA GLU B 58 11.56 17.02 12.57
C GLU B 58 12.51 16.13 13.34
N THR B 59 12.76 16.47 14.60
CA THR B 59 13.61 15.66 15.47
C THR B 59 12.76 14.60 16.17
N THR B 60 13.37 13.42 16.38
CA THR B 60 12.66 12.36 17.08
C THR B 60 12.55 12.63 18.57
N GLU B 61 13.39 13.52 19.12
CA GLU B 61 13.28 13.87 20.53
C GLU B 61 12.08 14.76 20.80
N ALA B 62 11.67 15.57 19.80
CA ALA B 62 10.47 16.36 19.94
C ALA B 62 9.22 15.49 19.98
N ALA B 63 9.29 14.30 19.38
CA ALA B 63 8.16 13.38 19.40
C ALA B 63 8.04 12.68 20.76
N GLU B 64 9.15 12.16 21.28
CA GLU B 64 9.12 11.50 22.58
C GLU B 64 8.75 12.47 23.69
N ALA B 65 9.08 13.75 23.54
CA ALA B 65 8.72 14.73 24.56
C ALA B 65 7.23 15.03 24.53
N ALA B 66 6.63 15.07 23.34
CA ALA B 66 5.21 15.38 23.24
C ALA B 66 4.34 14.23 23.73
N VAL B 67 4.79 12.99 23.55
CA VAL B 67 4.01 11.85 23.99
C VAL B 67 3.96 11.78 25.52
N GLN B 68 5.09 12.03 26.17
CA GLN B 68 5.14 11.96 27.63
C GLN B 68 4.38 13.11 28.30
N ALA B 69 4.10 14.19 27.56
CA ALA B 69 3.45 15.36 28.14
C ALA B 69 2.00 15.52 27.75
N LEU B 70 1.48 14.67 26.87
CA LEU B 70 0.10 14.81 26.39
C LEU B 70 -0.71 13.52 26.42
N ASN B 71 -0.10 12.38 26.68
CA ASN B 71 -0.93 11.15 26.81
C ASN B 71 -1.65 11.19 28.16
N GLY B 72 -2.98 11.33 28.14
CA GLY B 72 -3.79 11.43 29.38
C GLY B 72 -3.90 12.87 29.83
N LYS B 73 -4.11 13.79 28.90
CA LYS B 73 -4.10 15.23 29.25
C LYS B 73 -5.39 15.62 29.93
N ASP B 74 -6.51 15.01 29.56
CA ASP B 74 -7.86 15.37 30.08
C ASP B 74 -8.34 16.58 29.27
N MET B 75 -9.06 16.29 28.20
CA MET B 75 -9.60 17.36 27.33
C MET B 75 -10.97 17.76 27.86
N GLY B 76 -11.49 17.02 28.83
CA GLY B 76 -12.82 17.30 29.39
C GLY B 76 -13.86 16.33 28.86
N GLU B 77 -15.03 16.28 29.51
CA GLU B 77 -16.13 15.35 29.12
C GLU B 77 -15.62 13.92 29.23
N GLY B 78 -14.78 13.66 30.23
CA GLY B 78 -14.24 12.31 30.45
C GLY B 78 -13.31 11.89 29.33
N LYS B 79 -12.85 12.83 28.51
CA LYS B 79 -12.01 12.48 27.34
C LYS B 79 -10.55 12.55 27.76
N SER B 80 -9.84 11.44 27.66
CA SER B 80 -8.39 11.46 27.93
C SER B 80 -7.67 11.39 26.57
N LEU B 81 -6.69 12.25 26.38
CA LEU B 81 -5.99 12.29 25.08
C LEU B 81 -5.07 11.10 24.96
N TYR B 82 -5.23 10.31 23.91
CA TYR B 82 -4.32 9.21 23.60
C TYR B 82 -3.28 9.72 22.62
N VAL B 83 -2.03 9.77 23.05
CA VAL B 83 -0.91 10.21 22.22
C VAL B 83 0.15 9.12 22.25
N ALA B 84 0.57 8.67 21.06
CA ALA B 84 1.51 7.56 20.99
C ALA B 84 2.24 7.59 19.66
N ARG B 85 3.42 6.96 19.66
CA ARG B 85 4.14 6.69 18.43
C ARG B 85 3.62 5.41 17.79
N ALA B 86 4.12 5.11 16.60
CA ALA B 86 3.66 3.96 15.83
C ALA B 86 4.62 2.77 15.99
N GLN B 87 4.15 1.60 15.55
CA GLN B 87 4.95 0.39 15.60
C GLN B 87 6.13 0.49 14.63
N LYS B 88 7.14 -0.33 14.88
CA LYS B 88 8.34 -0.34 14.07
C LYS B 88 9.02 -1.70 14.11
#